data_4M30
#
_entry.id   4M30
#
_cell.length_a   81.104
_cell.length_b   81.104
_cell.length_c   223.962
_cell.angle_alpha   90.000
_cell.angle_beta   90.000
_cell.angle_gamma   120.000
#
_symmetry.space_group_name_H-M   'P 32 2 1'
#
loop_
_entity.id
_entity.type
_entity.pdbx_description
1 polymer 'Ribonuclease 3'
2 polymer RNA12
3 non-polymer 'MAGNESIUM ION'
4 non-polymer (4S)-2-METHYL-2,4-PENTANEDIOL
5 non-polymer 'ADENOSINE MONOPHOSPHATE'
6 water water
#
loop_
_entity_poly.entity_id
_entity_poly.type
_entity_poly.pdbx_seq_one_letter_code
_entity_poly.pdbx_strand_id
1 'polypeptide(L)'
;MKMLEQLEKKLGYTFKDKSLLEKALTHVSYSKKEHYETLEFLGDALVNFFIVDLLVQYSPNKREGFLSPLKAYLISEEFF
NLLAQKLELHKFIRIKRGKINETIIGDVFEALWAAVYIDSGRDANFTRELFYKLFKEDILSAIKEGRVKKDYKTILQEIT
QKRWKERPEYRLISVEGPHHKKKFIVEAKIKEYRTLGEGKSKKEAEQRAAEELIKLLEESE
;
A,B
2 'polyribonucleotide' AAGGUCAUUCGCAAGAGUGGCCUUUAU C,D
#
# COMPACT_ATOMS: atom_id res chain seq x y z
N LYS A 2 -2.58 -4.60 34.83
CA LYS A 2 -3.52 -3.49 34.88
C LYS A 2 -4.90 -4.00 34.42
N MET A 3 -5.67 -3.14 33.77
CA MET A 3 -6.82 -3.55 32.99
C MET A 3 -6.27 -4.28 31.75
N LEU A 4 -5.02 -3.93 31.43
CA LEU A 4 -4.30 -4.52 30.31
C LEU A 4 -4.24 -6.03 30.37
N GLU A 5 -4.39 -6.59 31.57
CA GLU A 5 -4.42 -8.05 31.69
C GLU A 5 -5.56 -8.69 30.89
N GLN A 6 -6.70 -7.99 30.79
CA GLN A 6 -7.86 -8.51 30.07
C GLN A 6 -7.58 -8.57 28.57
N LEU A 7 -7.03 -7.48 28.02
CA LEU A 7 -6.60 -7.47 26.65
C LEU A 7 -5.55 -8.56 26.42
N GLU A 8 -4.55 -8.61 27.31
CA GLU A 8 -3.46 -9.59 27.23
C GLU A 8 -4.01 -11.01 27.19
N LYS A 9 -5.08 -11.23 27.95
CA LYS A 9 -5.76 -12.52 27.98
C LYS A 9 -6.39 -12.87 26.64
N LYS A 10 -7.27 -12.00 26.15
CA LYS A 10 -7.90 -12.12 24.84
C LYS A 10 -6.86 -12.37 23.76
N LEU A 11 -5.77 -11.63 23.85
CA LEU A 11 -4.68 -11.70 22.87
C LEU A 11 -3.84 -12.97 22.96
N GLY A 12 -3.79 -13.60 24.13
CA GLY A 12 -2.95 -14.75 24.34
C GLY A 12 -1.47 -14.43 24.47
N TYR A 13 -1.15 -13.20 24.89
CA TYR A 13 0.23 -12.75 24.99
C TYR A 13 0.42 -11.76 26.15
N THR A 14 1.44 -11.96 26.97
CA THR A 14 1.71 -11.00 28.04
C THR A 14 2.93 -10.11 27.75
N PHE A 15 2.72 -8.81 27.79
CA PHE A 15 3.81 -7.89 27.46
C PHE A 15 4.88 -7.89 28.52
N LYS A 16 6.14 -7.88 28.09
CA LYS A 16 7.24 -7.60 28.98
C LYS A 16 7.27 -6.09 29.32
N ASP A 17 6.90 -5.25 28.35
CA ASP A 17 6.98 -3.81 28.54
C ASP A 17 5.56 -3.26 28.46
N LYS A 18 4.96 -2.95 29.60
CA LYS A 18 3.56 -2.54 29.63
C LYS A 18 3.42 -1.19 28.96
N SER A 19 4.42 -0.34 29.11
CA SER A 19 4.39 1.01 28.53
C SER A 19 4.24 0.93 27.02
N LEU A 20 4.77 -0.15 26.45
CA LEU A 20 4.73 -0.38 25.01
C LEU A 20 3.30 -0.68 24.57
N LEU A 21 2.63 -1.52 25.35
CA LEU A 21 1.22 -1.80 25.13
C LEU A 21 0.40 -0.52 25.29
N GLU A 22 0.63 0.23 26.36
CA GLU A 22 -0.17 1.42 26.66
C GLU A 22 -0.07 2.44 25.54
N LYS A 23 1.09 2.53 24.92
CA LYS A 23 1.30 3.50 23.85
C LYS A 23 0.47 3.14 22.61
N ALA A 24 0.35 1.85 22.33
CA ALA A 24 -0.46 1.38 21.21
C ALA A 24 -1.95 1.63 21.39
N LEU A 25 -2.37 1.90 22.63
CA LEU A 25 -3.79 2.08 22.91
C LEU A 25 -4.08 3.52 23.18
N THR A 26 -3.09 4.38 23.01
CA THR A 26 -3.26 5.77 23.41
C THR A 26 -3.30 6.71 22.22
N HIS A 27 -4.41 7.44 22.07
CA HIS A 27 -4.53 8.49 21.07
C HIS A 27 -3.77 9.76 21.50
N VAL A 28 -3.38 10.58 20.52
CA VAL A 28 -2.62 11.80 20.76
C VAL A 28 -3.42 12.87 21.54
N SER A 29 -4.75 12.72 21.53
CA SER A 29 -5.60 13.64 22.29
C SER A 29 -5.39 13.39 23.77
N TYR A 30 -4.93 12.19 24.11
CA TYR A 30 -4.71 11.83 25.50
C TYR A 30 -3.29 12.14 25.94
N SER A 31 -2.33 11.98 25.04
CA SER A 31 -0.94 12.15 25.39
C SER A 31 -0.15 12.53 24.16
N LYS A 32 0.17 13.82 24.04
CA LYS A 32 0.91 14.28 22.89
C LYS A 32 2.32 13.69 22.89
N LYS A 33 2.76 13.21 24.05
CA LYS A 33 4.11 12.71 24.21
C LYS A 33 4.25 11.24 23.82
N GLU A 34 3.26 10.44 24.17
CA GLU A 34 3.39 9.00 24.05
C GLU A 34 2.14 8.35 23.49
N HIS A 35 2.01 8.35 22.17
CA HIS A 35 0.80 7.81 21.55
C HIS A 35 1.10 6.85 20.39
N TYR A 36 0.05 6.37 19.73
CA TYR A 36 0.17 5.19 18.89
C TYR A 36 0.69 5.40 17.46
N GLU A 37 0.96 6.64 17.07
CA GLU A 37 1.18 6.97 15.66
C GLU A 37 2.29 6.18 14.96
N THR A 38 3.45 6.07 15.60
CA THR A 38 4.60 5.41 14.99
C THR A 38 4.41 3.90 14.94
N LEU A 39 3.90 3.32 16.03
CA LEU A 39 3.51 1.92 16.00
C LEU A 39 2.50 1.64 14.89
N GLU A 40 1.52 2.52 14.73
CA GLU A 40 0.49 2.35 13.72
C GLU A 40 1.15 2.25 12.34
N PHE A 41 2.17 3.06 12.12
CA PHE A 41 2.89 3.10 10.87
C PHE A 41 3.56 1.75 10.60
N LEU A 42 4.25 1.21 11.59
CA LEU A 42 4.90 -0.08 11.45
C LEU A 42 3.85 -1.18 11.29
N GLY A 43 2.75 -1.08 12.01
CA GLY A 43 1.75 -2.13 12.02
C GLY A 43 1.08 -2.29 10.68
N ASP A 44 0.75 -1.17 10.04
CA ASP A 44 0.15 -1.24 8.72
C ASP A 44 0.98 -2.17 7.79
N ALA A 45 2.29 -1.99 7.75
CA ALA A 45 3.13 -2.81 6.91
C ALA A 45 3.20 -4.25 7.43
N LEU A 46 3.22 -4.39 8.74
CA LEU A 46 3.33 -5.69 9.35
C LEU A 46 2.08 -6.51 9.06
N VAL A 47 0.94 -5.93 9.37
CA VAL A 47 -0.32 -6.61 9.22
C VAL A 47 -0.68 -6.88 7.75
N ASN A 48 -0.41 -5.93 6.86
CA ASN A 48 -0.65 -6.15 5.42
C ASN A 48 0.03 -7.43 4.97
N PHE A 49 1.28 -7.58 5.39
CA PHE A 49 2.08 -8.76 5.12
C PHE A 49 1.42 -10.02 5.65
N PHE A 50 0.86 -9.97 6.85
CA PHE A 50 0.24 -11.17 7.41
C PHE A 50 -0.89 -11.60 6.51
N ILE A 51 -1.73 -10.64 6.17
CA ILE A 51 -2.88 -10.85 5.31
C ILE A 51 -2.44 -11.42 3.97
N VAL A 52 -1.46 -10.78 3.36
CA VAL A 52 -0.99 -11.20 2.04
C VAL A 52 -0.43 -12.61 2.05
N ASP A 53 0.33 -12.95 3.08
CA ASP A 53 0.99 -14.25 3.13
C ASP A 53 -0.08 -15.32 3.32
N LEU A 54 -1.13 -14.95 4.06
CA LEU A 54 -2.24 -15.86 4.27
C LEU A 54 -2.95 -16.12 2.94
N LEU A 55 -3.24 -15.05 2.20
CA LEU A 55 -3.88 -15.16 0.89
C LEU A 55 -3.10 -16.09 -0.04
N VAL A 56 -1.79 -15.87 -0.13
CA VAL A 56 -0.96 -16.66 -1.02
C VAL A 56 -0.93 -18.12 -0.56
N GLN A 57 -1.16 -18.32 0.72
CA GLN A 57 -0.98 -19.66 1.25
C GLN A 57 -2.18 -20.55 0.97
N TYR A 58 -3.39 -20.03 1.13
CA TYR A 58 -4.54 -20.91 1.15
C TYR A 58 -5.49 -20.71 -0.03
N SER A 59 -5.07 -19.92 -1.01
CA SER A 59 -5.95 -19.68 -2.14
C SER A 59 -5.50 -20.45 -3.37
N PRO A 60 -6.46 -21.18 -3.96
CA PRO A 60 -6.28 -22.03 -5.15
C PRO A 60 -5.88 -21.17 -6.32
N ASN A 61 -6.65 -20.10 -6.55
CA ASN A 61 -6.31 -19.11 -7.55
C ASN A 61 -5.35 -18.11 -6.94
N LYS A 62 -4.07 -18.20 -7.30
CA LYS A 62 -3.09 -17.27 -6.77
C LYS A 62 -2.70 -16.22 -7.80
N ARG A 63 -3.64 -15.82 -8.65
CA ARG A 63 -3.42 -14.74 -9.61
C ARG A 63 -3.44 -13.33 -8.96
N GLU A 64 -2.52 -12.46 -9.41
CA GLU A 64 -2.44 -11.05 -9.00
C GLU A 64 -3.82 -10.41 -9.00
N GLY A 65 -4.42 -10.37 -10.19
CA GLY A 65 -5.68 -9.70 -10.38
C GLY A 65 -6.87 -10.41 -9.77
N PHE A 66 -6.62 -11.53 -9.11
CA PHE A 66 -7.65 -12.18 -8.30
C PHE A 66 -7.48 -11.91 -6.79
N LEU A 67 -6.22 -11.95 -6.32
CA LEU A 67 -5.95 -11.76 -4.92
C LEU A 67 -6.03 -10.29 -4.49
N SER A 68 -5.49 -9.40 -5.32
CA SER A 68 -5.48 -7.97 -5.01
C SER A 68 -6.82 -7.40 -4.55
N PRO A 69 -7.92 -7.80 -5.18
CA PRO A 69 -9.16 -7.27 -4.62
C PRO A 69 -9.49 -7.90 -3.27
N LEU A 70 -9.09 -9.13 -3.03
CA LEU A 70 -9.32 -9.72 -1.70
C LEU A 70 -8.51 -8.93 -0.67
N LYS A 71 -7.21 -8.82 -0.94
CA LYS A 71 -6.30 -8.02 -0.12
C LYS A 71 -6.86 -6.62 0.20
N ALA A 72 -7.47 -5.99 -0.80
CA ALA A 72 -7.94 -4.62 -0.69
C ALA A 72 -9.04 -4.45 0.33
N TYR A 73 -9.81 -5.51 0.52
CA TYR A 73 -10.80 -5.52 1.59
C TYR A 73 -10.13 -5.98 2.88
N LEU A 74 -9.28 -6.99 2.80
CA LEU A 74 -8.77 -7.60 4.00
C LEU A 74 -7.77 -6.71 4.78
N ILE A 75 -7.19 -5.70 4.13
CA ILE A 75 -6.31 -4.78 4.84
C ILE A 75 -6.97 -3.41 5.10
N SER A 76 -8.29 -3.34 4.96
CA SER A 76 -9.01 -2.09 5.10
C SER A 76 -9.45 -1.81 6.54
N GLU A 77 -9.58 -0.54 6.85
CA GLU A 77 -10.09 -0.04 8.12
C GLU A 77 -11.38 -0.79 8.49
N GLU A 78 -12.26 -0.99 7.52
CA GLU A 78 -13.53 -1.65 7.80
C GLU A 78 -13.29 -3.03 8.37
N PHE A 79 -12.49 -3.83 7.65
CA PHE A 79 -12.24 -5.21 8.06
C PHE A 79 -11.48 -5.31 9.39
N PHE A 80 -10.56 -4.38 9.65
CA PHE A 80 -9.81 -4.37 10.90
C PHE A 80 -10.77 -4.14 12.07
N ASN A 81 -11.76 -3.29 11.85
CA ASN A 81 -12.79 -3.07 12.89
C ASN A 81 -13.52 -4.35 13.23
N LEU A 82 -13.61 -5.26 12.26
CA LEU A 82 -14.26 -6.53 12.50
C LEU A 82 -13.38 -7.44 13.35
N LEU A 83 -12.08 -7.44 13.06
CA LEU A 83 -11.13 -8.21 13.84
C LEU A 83 -10.98 -7.63 15.26
N ALA A 84 -11.03 -6.31 15.36
CA ALA A 84 -10.89 -5.65 16.65
C ALA A 84 -11.95 -6.14 17.63
N GLN A 85 -13.16 -6.34 17.12
CA GLN A 85 -14.28 -6.78 17.97
C GLN A 85 -13.93 -7.99 18.81
N LYS A 86 -13.14 -8.91 18.25
CA LYS A 86 -12.77 -10.10 18.98
C LYS A 86 -11.96 -9.76 20.23
N LEU A 87 -11.29 -8.62 20.19
CA LEU A 87 -10.46 -8.20 21.32
C LEU A 87 -11.21 -7.19 22.19
N GLU A 88 -12.37 -6.75 21.71
CA GLU A 88 -13.12 -5.66 22.34
C GLU A 88 -12.20 -4.45 22.50
N LEU A 89 -11.42 -4.17 21.47
CA LEU A 89 -10.40 -3.11 21.51
C LEU A 89 -10.87 -1.78 22.06
N HIS A 90 -12.12 -1.41 21.78
CA HIS A 90 -12.63 -0.08 22.11
C HIS A 90 -12.65 0.19 23.62
N LYS A 91 -12.79 -0.84 24.44
CA LYS A 91 -12.85 -0.59 25.88
C LYS A 91 -11.48 -0.52 26.54
N PHE A 92 -10.44 -0.36 25.73
CA PHE A 92 -9.07 -0.29 26.21
C PHE A 92 -8.37 0.95 25.67
N ILE A 93 -9.00 1.61 24.72
CA ILE A 93 -8.40 2.76 24.07
C ILE A 93 -8.49 3.99 24.95
N ARG A 94 -7.38 4.70 25.08
CA ARG A 94 -7.36 5.90 25.91
C ARG A 94 -7.47 7.10 25.01
N ILE A 95 -8.63 7.75 25.06
CA ILE A 95 -8.87 8.92 24.23
C ILE A 95 -9.66 10.00 24.98
N LYS A 96 -9.29 11.27 24.75
CA LYS A 96 -9.79 12.39 25.55
C LYS A 96 -11.07 13.07 25.05
N ARG A 97 -10.92 14.04 24.15
CA ARG A 97 -12.08 14.80 23.64
C ARG A 97 -12.60 14.30 22.28
N GLY A 98 -13.14 13.07 22.27
CA GLY A 98 -13.61 12.50 21.01
C GLY A 98 -14.12 11.08 21.12
N LYS A 99 -15.02 10.72 20.22
CA LYS A 99 -15.55 9.37 20.19
C LYS A 99 -14.48 8.44 19.64
N ILE A 100 -14.64 7.15 19.93
CA ILE A 100 -13.75 6.13 19.43
C ILE A 100 -14.31 5.55 18.14
N ASN A 101 -14.23 6.32 17.07
CA ASN A 101 -14.78 5.90 15.78
C ASN A 101 -13.97 4.77 15.11
N GLU A 102 -14.32 4.44 13.87
CA GLU A 102 -13.71 3.28 13.21
C GLU A 102 -12.27 3.57 12.82
N THR A 103 -11.95 4.82 12.50
CA THR A 103 -10.56 5.22 12.24
C THR A 103 -9.64 4.99 13.47
N ILE A 104 -10.06 5.44 14.65
CA ILE A 104 -9.26 5.21 15.84
C ILE A 104 -9.04 3.71 16.09
N ILE A 105 -10.12 2.94 16.03
CA ILE A 105 -10.03 1.50 16.28
C ILE A 105 -9.14 0.79 15.27
N GLY A 106 -9.24 1.19 14.01
CA GLY A 106 -8.45 0.58 12.97
C GLY A 106 -6.99 0.95 13.10
N ASP A 107 -6.75 2.19 13.50
CA ASP A 107 -5.43 2.67 13.85
C ASP A 107 -4.83 1.82 14.99
N VAL A 108 -5.59 1.66 16.08
CA VAL A 108 -5.10 0.94 17.25
C VAL A 108 -4.91 -0.54 16.94
N PHE A 109 -5.70 -1.07 16.03
CA PHE A 109 -5.51 -2.47 15.66
C PHE A 109 -4.10 -2.67 15.07
N GLU A 110 -3.73 -1.87 14.06
CA GLU A 110 -2.36 -1.82 13.53
C GLU A 110 -1.27 -1.60 14.62
N ALA A 111 -1.43 -0.59 15.47
CA ALA A 111 -0.43 -0.25 16.49
C ALA A 111 -0.16 -1.40 17.45
N LEU A 112 -1.24 -2.00 17.94
CA LEU A 112 -1.19 -3.15 18.84
C LEU A 112 -0.34 -4.28 18.28
N TRP A 113 -0.50 -4.57 16.99
CA TRP A 113 0.30 -5.62 16.39
C TRP A 113 1.76 -5.22 16.25
N ALA A 114 2.02 -3.97 15.90
CA ALA A 114 3.38 -3.47 15.94
C ALA A 114 3.95 -3.58 17.35
N ALA A 115 3.12 -3.34 18.36
CA ALA A 115 3.58 -3.42 19.74
C ALA A 115 3.95 -4.86 20.14
N VAL A 116 3.08 -5.83 19.84
CA VAL A 116 3.43 -7.23 20.07
C VAL A 116 4.77 -7.56 19.39
N TYR A 117 4.88 -7.15 18.14
CA TYR A 117 6.08 -7.37 17.35
C TYR A 117 7.32 -6.83 18.04
N ILE A 118 7.31 -5.56 18.40
CA ILE A 118 8.43 -4.95 19.12
C ILE A 118 8.70 -5.66 20.46
N ASP A 119 7.67 -5.78 21.28
CA ASP A 119 7.76 -6.43 22.58
C ASP A 119 8.27 -7.87 22.51
N SER A 120 8.11 -8.52 21.37
CA SER A 120 8.59 -9.89 21.19
C SER A 120 10.07 -9.90 20.75
N GLY A 121 10.66 -8.71 20.67
CA GLY A 121 12.03 -8.63 20.20
C GLY A 121 12.11 -8.61 18.68
N ARG A 122 11.05 -8.13 18.04
CA ARG A 122 10.97 -8.05 16.59
C ARG A 122 11.00 -9.43 15.94
N ASP A 123 10.33 -10.37 16.61
CA ASP A 123 10.18 -11.73 16.13
C ASP A 123 8.95 -11.79 15.25
N ALA A 124 9.17 -11.79 13.93
CA ALA A 124 8.07 -11.75 12.97
C ALA A 124 7.35 -13.09 12.83
N ASN A 125 8.11 -14.18 12.95
CA ASN A 125 7.53 -15.50 12.87
C ASN A 125 6.56 -15.67 14.03
N PHE A 126 7.01 -15.31 15.23
CA PHE A 126 6.17 -15.44 16.42
C PHE A 126 4.91 -14.57 16.34
N THR A 127 5.06 -13.33 15.89
CA THR A 127 3.94 -12.40 15.85
C THR A 127 2.90 -12.87 14.82
N ARG A 128 3.40 -13.34 13.69
CA ARG A 128 2.53 -13.84 12.62
C ARG A 128 1.72 -15.06 13.07
N GLU A 129 2.33 -15.96 13.81
CA GLU A 129 1.56 -17.09 14.34
C GLU A 129 0.51 -16.65 15.37
N LEU A 130 0.78 -15.59 16.11
CA LEU A 130 -0.17 -15.13 17.12
C LEU A 130 -1.38 -14.54 16.40
N PHE A 131 -1.12 -13.69 15.42
CA PHE A 131 -2.16 -13.15 14.56
C PHE A 131 -3.06 -14.26 13.99
N TYR A 132 -2.42 -15.27 13.41
CA TYR A 132 -3.13 -16.41 12.84
C TYR A 132 -3.97 -17.18 13.87
N LYS A 133 -3.43 -17.36 15.06
CA LYS A 133 -4.14 -18.07 16.09
C LYS A 133 -5.46 -17.36 16.34
N LEU A 134 -5.41 -16.04 16.43
CA LEU A 134 -6.61 -15.27 16.65
C LEU A 134 -7.45 -15.14 15.40
N PHE A 135 -6.81 -15.05 14.24
CA PHE A 135 -7.51 -14.53 13.07
C PHE A 135 -7.51 -15.39 11.81
N LYS A 136 -6.66 -16.41 11.74
CA LYS A 136 -6.56 -17.19 10.50
C LYS A 136 -7.87 -17.84 10.06
N GLU A 137 -8.48 -18.61 10.96
CA GLU A 137 -9.72 -19.30 10.66
C GLU A 137 -10.84 -18.30 10.28
N ASP A 138 -10.97 -17.24 11.06
CA ASP A 138 -12.02 -16.24 10.79
C ASP A 138 -11.83 -15.54 9.46
N ILE A 139 -10.58 -15.26 9.10
CA ILE A 139 -10.27 -14.67 7.80
C ILE A 139 -10.64 -15.61 6.64
N LEU A 140 -10.10 -16.82 6.67
CA LEU A 140 -10.36 -17.81 5.63
C LEU A 140 -11.85 -18.07 5.44
N SER A 141 -12.56 -18.15 6.55
CA SER A 141 -13.98 -18.42 6.55
C SER A 141 -14.78 -17.25 5.96
N ALA A 142 -14.36 -16.03 6.22
CA ALA A 142 -15.00 -14.88 5.60
C ALA A 142 -14.81 -14.88 4.08
N ILE A 143 -13.66 -15.35 3.61
CA ILE A 143 -13.40 -15.43 2.18
C ILE A 143 -14.29 -16.52 1.60
N LYS A 144 -14.23 -17.69 2.23
CA LYS A 144 -15.02 -18.84 1.80
C LYS A 144 -16.51 -18.55 1.72
N GLU A 145 -17.03 -17.78 2.68
CA GLU A 145 -18.47 -17.53 2.76
C GLU A 145 -18.95 -16.25 2.06
N GLY A 146 -18.09 -15.66 1.23
CA GLY A 146 -18.46 -14.44 0.51
C GLY A 146 -18.80 -13.25 1.39
N ARG A 147 -18.23 -13.22 2.59
CA ARG A 147 -18.41 -12.09 3.49
C ARG A 147 -17.31 -11.07 3.23
N VAL A 148 -16.99 -10.89 1.96
CA VAL A 148 -16.04 -9.91 1.51
C VAL A 148 -16.81 -8.79 0.87
N LYS A 149 -16.64 -7.57 1.37
CA LYS A 149 -17.34 -6.41 0.82
C LYS A 149 -16.99 -6.14 -0.65
N LYS A 150 -18.00 -5.81 -1.44
CA LYS A 150 -17.82 -5.65 -2.87
C LYS A 150 -17.53 -4.21 -3.22
N ASP A 151 -16.64 -4.03 -4.19
CA ASP A 151 -16.35 -2.72 -4.72
C ASP A 151 -17.29 -2.49 -5.90
N TYR A 152 -18.46 -1.97 -5.59
CA TYR A 152 -19.50 -1.82 -6.59
C TYR A 152 -19.09 -0.88 -7.69
N LYS A 153 -18.48 0.26 -7.34
CA LYS A 153 -18.11 1.22 -8.37
C LYS A 153 -17.17 0.59 -9.40
N THR A 154 -16.35 -0.32 -8.94
CA THR A 154 -15.43 -0.98 -9.84
C THR A 154 -16.15 -2.08 -10.61
N ILE A 155 -16.95 -2.86 -9.90
CA ILE A 155 -17.74 -3.89 -10.55
C ILE A 155 -18.54 -3.26 -11.68
N LEU A 156 -19.24 -2.19 -11.35
CA LEU A 156 -20.12 -1.53 -12.30
C LEU A 156 -19.40 -1.01 -13.55
N GLN A 157 -18.27 -0.33 -13.38
CA GLN A 157 -17.61 0.25 -14.55
C GLN A 157 -17.01 -0.85 -15.42
N GLU A 158 -16.79 -2.02 -14.82
CA GLU A 158 -16.35 -3.16 -15.62
C GLU A 158 -17.52 -3.74 -16.41
N ILE A 159 -18.69 -3.77 -15.80
CA ILE A 159 -19.92 -4.18 -16.48
C ILE A 159 -20.28 -3.24 -17.65
N THR A 160 -20.36 -1.96 -17.38
CA THR A 160 -20.79 -1.02 -18.41
C THR A 160 -19.74 -0.86 -19.50
N GLN A 161 -18.48 -1.13 -19.18
CA GLN A 161 -17.42 -0.95 -20.19
C GLN A 161 -17.44 -2.14 -21.15
N LYS A 162 -17.66 -3.34 -20.64
CA LYS A 162 -17.70 -4.51 -21.52
C LYS A 162 -18.93 -4.48 -22.41
N ARG A 163 -20.06 -4.10 -21.82
CA ARG A 163 -21.31 -4.05 -22.55
C ARG A 163 -21.37 -2.90 -23.55
N TRP A 164 -21.05 -1.69 -23.10
CA TRP A 164 -21.33 -0.47 -23.87
C TRP A 164 -20.08 0.37 -24.17
N LYS A 165 -18.92 -0.09 -23.72
CA LYS A 165 -17.70 0.70 -23.88
C LYS A 165 -17.84 2.09 -23.23
N GLU A 166 -18.56 2.17 -22.11
CA GLU A 166 -18.72 3.43 -21.38
C GLU A 166 -18.66 3.31 -19.86
N ARG A 167 -18.30 4.41 -19.20
CA ARG A 167 -18.30 4.47 -17.74
C ARG A 167 -19.57 5.14 -17.26
N PRO A 168 -20.15 4.65 -16.17
CA PRO A 168 -21.32 5.33 -15.61
C PRO A 168 -21.00 6.76 -15.20
N GLU A 169 -22.02 7.60 -15.11
CA GLU A 169 -21.84 8.96 -14.67
C GLU A 169 -22.42 9.13 -13.28
N TYR A 170 -21.67 9.82 -12.41
CA TYR A 170 -22.09 10.12 -11.05
C TYR A 170 -22.30 11.61 -10.93
N ARG A 171 -23.50 12.03 -10.54
CA ARG A 171 -23.73 13.45 -10.25
C ARG A 171 -24.39 13.68 -8.89
N LEU A 172 -23.95 14.75 -8.24
CA LEU A 172 -24.43 15.16 -6.94
C LEU A 172 -25.85 15.71 -7.06
N ILE A 173 -26.77 15.12 -6.30
CA ILE A 173 -28.16 15.54 -6.32
C ILE A 173 -28.48 16.50 -5.17
N SER A 174 -28.02 16.15 -3.97
CA SER A 174 -28.27 16.94 -2.77
C SER A 174 -27.17 16.76 -1.73
N VAL A 175 -27.02 17.75 -0.86
CA VAL A 175 -26.19 17.62 0.35
C VAL A 175 -27.02 18.15 1.53
N GLU A 176 -26.96 17.47 2.68
CA GLU A 176 -27.76 17.86 3.86
C GLU A 176 -27.00 17.75 5.20
N GLY A 177 -27.17 18.73 6.10
CA GLY A 177 -26.60 18.66 7.44
C GLY A 177 -25.39 19.55 7.72
N PRO A 178 -24.96 19.62 9.00
CA PRO A 178 -23.80 20.40 9.43
C PRO A 178 -22.55 19.96 8.68
N HIS A 179 -21.78 20.91 8.12
CA HIS A 179 -20.57 20.61 7.34
C HIS A 179 -19.66 19.48 7.87
N HIS A 180 -19.91 19.01 9.10
CA HIS A 180 -19.16 17.90 9.68
C HIS A 180 -20.05 16.69 9.98
N LYS A 181 -21.31 16.76 9.56
CA LYS A 181 -22.26 15.67 9.69
C LYS A 181 -23.17 15.70 8.47
N LYS A 182 -22.53 15.76 7.31
CA LYS A 182 -23.21 15.91 6.02
C LYS A 182 -23.77 14.59 5.49
N LYS A 183 -24.89 14.66 4.77
CA LYS A 183 -25.51 13.51 4.14
C LYS A 183 -25.73 13.75 2.63
N PHE A 184 -25.05 12.95 1.82
CA PHE A 184 -25.04 13.13 0.37
C PHE A 184 -26.03 12.22 -0.33
N ILE A 185 -26.60 12.72 -1.42
CA ILE A 185 -27.44 11.93 -2.29
C ILE A 185 -26.94 12.07 -3.73
N VAL A 186 -26.68 10.93 -4.34
CA VAL A 186 -25.93 10.88 -5.58
C VAL A 186 -26.65 9.96 -6.56
N GLU A 187 -26.56 10.30 -7.84
CA GLU A 187 -27.18 9.50 -8.86
C GLU A 187 -26.10 8.85 -9.71
N ALA A 188 -26.23 7.55 -9.95
CA ALA A 188 -25.41 6.86 -10.94
C ALA A 188 -26.23 6.62 -12.21
N LYS A 189 -25.62 6.82 -13.37
CA LYS A 189 -26.33 6.66 -14.64
C LYS A 189 -25.49 5.93 -15.69
N ILE A 190 -26.10 4.99 -16.38
CA ILE A 190 -25.51 4.47 -17.59
C ILE A 190 -26.66 4.28 -18.59
N LYS A 191 -26.48 4.81 -19.79
CA LYS A 191 -27.54 4.83 -20.79
C LYS A 191 -28.78 5.45 -20.13
N GLU A 192 -29.92 4.79 -20.28
CA GLU A 192 -31.15 5.30 -19.67
C GLU A 192 -31.47 4.75 -18.27
N TYR A 193 -30.57 3.91 -17.74
CA TYR A 193 -30.73 3.41 -16.37
C TYR A 193 -30.18 4.40 -15.32
N ARG A 194 -30.98 4.69 -14.29
CA ARG A 194 -30.56 5.61 -13.21
C ARG A 194 -30.90 5.07 -11.83
N THR A 195 -29.98 5.26 -10.87
CA THR A 195 -30.25 4.95 -9.46
C THR A 195 -29.73 6.05 -8.52
N LEU A 196 -30.26 6.07 -7.29
CA LEU A 196 -29.85 7.06 -6.31
C LEU A 196 -29.09 6.41 -5.18
N GLY A 197 -28.24 7.18 -4.51
CA GLY A 197 -27.49 6.63 -3.40
C GLY A 197 -27.25 7.65 -2.32
N GLU A 198 -27.31 7.20 -1.06
CA GLU A 198 -27.16 8.07 0.10
C GLU A 198 -25.92 7.65 0.89
N GLY A 199 -25.20 8.61 1.47
CA GLY A 199 -24.01 8.29 2.24
C GLY A 199 -23.46 9.47 3.01
N LYS A 200 -22.51 9.22 3.90
CA LYS A 200 -21.88 10.29 4.66
C LYS A 200 -20.67 10.89 3.94
N SER A 201 -20.41 10.43 2.72
CA SER A 201 -19.39 11.01 1.87
C SER A 201 -19.80 10.78 0.46
N LYS A 202 -19.26 11.57 -0.46
CA LYS A 202 -19.57 11.38 -1.88
C LYS A 202 -19.29 9.94 -2.32
N LYS A 203 -18.11 9.44 -1.99
CA LYS A 203 -17.66 8.12 -2.42
C LYS A 203 -18.59 7.02 -1.89
N GLU A 204 -18.96 7.11 -0.63
CA GLU A 204 -19.89 6.13 -0.04
C GLU A 204 -21.27 6.19 -0.71
N ALA A 205 -21.72 7.38 -1.08
CA ALA A 205 -23.00 7.54 -1.75
C ALA A 205 -22.91 6.99 -3.18
N GLU A 206 -21.80 7.29 -3.85
CA GLU A 206 -21.57 6.77 -5.19
C GLU A 206 -21.55 5.25 -5.14
N GLN A 207 -21.01 4.70 -4.05
CA GLN A 207 -20.98 3.27 -3.86
C GLN A 207 -22.39 2.69 -3.75
N ARG A 208 -23.24 3.31 -2.95
CA ARG A 208 -24.59 2.79 -2.80
C ARG A 208 -25.33 2.94 -4.11
N ALA A 209 -25.08 4.03 -4.82
CA ALA A 209 -25.77 4.27 -6.08
C ALA A 209 -25.36 3.19 -7.06
N ALA A 210 -24.06 2.96 -7.14
CA ALA A 210 -23.50 1.94 -8.03
C ALA A 210 -24.08 0.55 -7.80
N GLU A 211 -24.31 0.20 -6.53
CA GLU A 211 -24.85 -1.11 -6.18
C GLU A 211 -26.25 -1.30 -6.73
N GLU A 212 -27.10 -0.29 -6.52
CA GLU A 212 -28.48 -0.33 -6.99
C GLU A 212 -28.54 -0.41 -8.49
N LEU A 213 -27.65 0.33 -9.15
CA LEU A 213 -27.60 0.34 -10.61
C LEU A 213 -27.23 -1.05 -11.13
N ILE A 214 -26.29 -1.70 -10.47
CA ILE A 214 -25.93 -3.05 -10.84
C ILE A 214 -27.14 -3.97 -10.74
N LYS A 215 -27.90 -3.83 -9.65
CA LYS A 215 -29.13 -4.58 -9.45
C LYS A 215 -30.12 -4.33 -10.58
N LEU A 216 -30.38 -3.05 -10.87
CA LEU A 216 -31.19 -2.65 -12.01
C LEU A 216 -30.75 -3.37 -13.29
N LEU A 217 -29.47 -3.29 -13.64
CA LEU A 217 -28.97 -3.93 -14.84
C LEU A 217 -29.13 -5.46 -14.88
N GLU A 218 -29.32 -6.10 -13.72
CA GLU A 218 -29.46 -7.55 -13.71
C GLU A 218 -30.94 -7.97 -13.78
N GLU A 219 -31.78 -7.03 -14.17
CA GLU A 219 -33.21 -7.31 -14.32
C GLU A 219 -33.64 -7.17 -15.77
N SER A 220 -32.82 -6.46 -16.56
CA SER A 220 -33.12 -6.23 -17.97
C SER A 220 -31.83 -6.23 -18.81
N GLU A 221 -31.02 -5.19 -18.66
CA GLU A 221 -29.72 -5.04 -19.33
C GLU A 221 -29.83 -4.83 -20.84
N MET B 3 23.15 -21.34 -13.95
CA MET B 3 23.64 -19.96 -13.82
C MET B 3 23.04 -19.27 -12.59
N LEU B 4 22.15 -19.98 -11.89
CA LEU B 4 21.60 -19.50 -10.64
C LEU B 4 22.64 -19.38 -9.53
N GLU B 5 23.82 -19.95 -9.74
CA GLU B 5 24.80 -20.02 -8.67
C GLU B 5 25.49 -18.68 -8.47
N GLN B 6 25.61 -17.91 -9.53
CA GLN B 6 26.15 -16.56 -9.40
C GLN B 6 25.23 -15.68 -8.56
N LEU B 7 23.92 -15.83 -8.74
CA LEU B 7 22.96 -15.09 -7.93
C LEU B 7 23.02 -15.57 -6.49
N GLU B 8 23.03 -16.88 -6.31
CA GLU B 8 23.13 -17.47 -4.97
C GLU B 8 24.35 -17.01 -4.16
N LYS B 9 25.37 -16.48 -4.84
CA LYS B 9 26.56 -15.99 -4.15
C LYS B 9 26.45 -14.51 -3.84
N LYS B 10 26.00 -13.75 -4.83
CA LYS B 10 25.67 -12.34 -4.64
C LYS B 10 24.71 -12.25 -3.46
N LEU B 11 23.79 -13.21 -3.41
CA LEU B 11 22.77 -13.30 -2.39
C LEU B 11 23.35 -13.82 -1.08
N GLY B 12 24.24 -14.80 -1.16
CA GLY B 12 24.74 -15.47 0.03
C GLY B 12 23.70 -16.43 0.58
N TYR B 13 22.80 -16.87 -0.29
CA TYR B 13 21.84 -17.90 0.10
C TYR B 13 21.77 -18.94 -0.99
N THR B 14 21.63 -20.20 -0.59
CA THR B 14 21.51 -21.28 -1.54
C THR B 14 20.18 -21.96 -1.32
N PHE B 15 19.39 -22.08 -2.38
CA PHE B 15 18.03 -22.59 -2.25
C PHE B 15 18.00 -24.08 -1.97
N LYS B 16 17.04 -24.50 -1.15
CA LYS B 16 16.78 -25.91 -0.91
C LYS B 16 15.81 -26.42 -1.98
N ASP B 17 15.56 -25.57 -2.98
CA ASP B 17 14.64 -25.84 -4.09
C ASP B 17 14.86 -24.74 -5.13
N LYS B 18 15.63 -25.06 -6.16
CA LYS B 18 15.98 -24.09 -7.19
C LYS B 18 14.82 -23.75 -8.12
N SER B 19 13.75 -24.55 -8.09
CA SER B 19 12.59 -24.28 -8.95
C SER B 19 11.84 -23.03 -8.49
N LEU B 20 12.03 -22.65 -7.23
CA LEU B 20 11.49 -21.41 -6.70
C LEU B 20 12.26 -20.22 -7.23
N LEU B 21 13.58 -20.33 -7.21
CA LEU B 21 14.41 -19.23 -7.68
C LEU B 21 14.16 -19.00 -9.17
N GLU B 22 13.98 -20.10 -9.90
CA GLU B 22 13.77 -20.06 -11.34
C GLU B 22 12.46 -19.34 -11.64
N LYS B 23 11.42 -19.76 -10.92
CA LYS B 23 10.09 -19.19 -11.10
C LYS B 23 10.10 -17.68 -10.86
N ALA B 24 10.95 -17.23 -9.94
CA ALA B 24 11.03 -15.82 -9.57
C ALA B 24 11.75 -14.98 -10.60
N LEU B 25 12.51 -15.61 -11.49
CA LEU B 25 13.32 -14.88 -12.47
C LEU B 25 12.68 -14.98 -13.86
N THR B 26 11.53 -15.62 -13.89
CA THR B 26 10.90 -16.01 -15.15
C THR B 26 9.63 -15.20 -15.46
N HIS B 27 9.71 -14.37 -16.51
CA HIS B 27 8.56 -13.61 -17.01
C HIS B 27 7.55 -14.53 -17.70
N VAL B 28 6.29 -14.09 -17.78
CA VAL B 28 5.22 -14.89 -18.39
C VAL B 28 5.47 -15.16 -19.89
N SER B 29 6.27 -14.30 -20.53
CA SER B 29 6.68 -14.52 -21.91
C SER B 29 7.87 -15.46 -21.98
N TYR B 30 7.76 -16.61 -21.33
CA TYR B 30 8.84 -17.59 -21.27
C TYR B 30 8.24 -18.79 -20.59
N SER B 31 7.03 -18.62 -20.06
CA SER B 31 6.25 -19.68 -19.44
C SER B 31 4.97 -19.13 -18.84
N LYS B 32 3.81 -19.52 -19.35
CA LYS B 32 2.57 -19.12 -18.69
C LYS B 32 2.24 -20.13 -17.60
N LYS B 33 3.19 -21.03 -17.32
CA LYS B 33 2.98 -22.10 -16.35
C LYS B 33 3.70 -21.79 -15.04
N GLU B 34 4.90 -21.21 -15.16
CA GLU B 34 5.75 -20.96 -14.00
C GLU B 34 6.43 -19.60 -14.10
N HIS B 35 5.76 -18.59 -13.56
CA HIS B 35 6.25 -17.21 -13.68
C HIS B 35 6.11 -16.44 -12.35
N TYR B 36 6.80 -15.31 -12.26
CA TYR B 36 7.00 -14.60 -11.00
C TYR B 36 5.77 -13.95 -10.35
N GLU B 37 4.69 -13.80 -11.12
CA GLU B 37 3.47 -13.09 -10.71
C GLU B 37 3.03 -13.27 -9.25
N THR B 38 2.87 -14.51 -8.80
CA THR B 38 2.40 -14.77 -7.44
C THR B 38 3.45 -14.42 -6.40
N LEU B 39 4.69 -14.80 -6.66
CA LEU B 39 5.79 -14.47 -5.79
C LEU B 39 5.90 -12.94 -5.70
N GLU B 40 5.63 -12.26 -6.81
CA GLU B 40 5.68 -10.81 -6.83
C GLU B 40 4.66 -10.21 -5.85
N PHE B 41 3.53 -10.88 -5.70
CA PHE B 41 2.49 -10.40 -4.82
C PHE B 41 2.92 -10.46 -3.35
N LEU B 42 3.40 -11.61 -2.92
CA LEU B 42 3.88 -11.77 -1.56
C LEU B 42 5.10 -10.87 -1.32
N GLY B 43 5.96 -10.75 -2.33
CA GLY B 43 7.22 -10.07 -2.19
C GLY B 43 7.05 -8.60 -1.91
N ASP B 44 6.12 -7.97 -2.61
CA ASP B 44 5.80 -6.56 -2.40
C ASP B 44 5.45 -6.30 -0.92
N ALA B 45 4.54 -7.10 -0.36
CA ALA B 45 4.12 -6.93 1.02
C ALA B 45 5.28 -7.18 1.97
N LEU B 46 6.08 -8.21 1.67
CA LEU B 46 7.19 -8.62 2.52
C LEU B 46 8.30 -7.57 2.58
N VAL B 47 8.60 -6.96 1.44
CA VAL B 47 9.69 -6.01 1.36
C VAL B 47 9.27 -4.62 1.84
N ASN B 48 8.00 -4.28 1.60
CA ASN B 48 7.49 -3.01 2.09
C ASN B 48 7.64 -3.02 3.61
N PHE B 49 7.32 -4.18 4.20
CA PHE B 49 7.50 -4.41 5.61
C PHE B 49 8.97 -4.29 6.04
N PHE B 50 9.89 -4.92 5.31
CA PHE B 50 11.32 -4.76 5.61
C PHE B 50 11.71 -3.29 5.69
N ILE B 51 11.36 -2.53 4.66
CA ILE B 51 11.75 -1.14 4.55
C ILE B 51 11.14 -0.30 5.65
N VAL B 52 9.85 -0.50 5.91
CA VAL B 52 9.16 0.28 6.93
C VAL B 52 9.73 -0.05 8.29
N ASP B 53 9.97 -1.33 8.52
CA ASP B 53 10.55 -1.79 9.78
C ASP B 53 11.90 -1.14 9.95
N LEU B 54 12.66 -1.12 8.87
CA LEU B 54 13.96 -0.49 8.90
C LEU B 54 13.80 0.96 9.30
N LEU B 55 12.86 1.67 8.68
CA LEU B 55 12.67 3.11 8.91
C LEU B 55 12.33 3.46 10.35
N VAL B 56 11.53 2.62 10.99
CA VAL B 56 11.07 2.86 12.34
C VAL B 56 12.19 2.57 13.34
N GLN B 57 13.12 1.73 12.93
CA GLN B 57 14.27 1.40 13.76
C GLN B 57 15.28 2.54 13.80
N TYR B 58 15.58 3.14 12.65
CA TYR B 58 16.78 3.98 12.57
C TYR B 58 16.54 5.46 12.49
N SER B 59 15.37 5.85 11.98
CA SER B 59 15.05 7.26 11.86
C SER B 59 14.76 7.80 13.24
N PRO B 60 15.46 8.90 13.61
CA PRO B 60 15.31 9.62 14.88
C PRO B 60 13.96 10.29 14.91
N ASN B 61 13.60 10.95 13.81
CA ASN B 61 12.23 11.43 13.62
C ASN B 61 11.34 10.28 13.19
N LYS B 62 10.43 9.91 14.09
CA LYS B 62 9.61 8.73 13.89
C LYS B 62 8.18 9.14 13.55
N ARG B 63 8.00 10.40 13.20
CA ARG B 63 6.68 10.95 12.96
C ARG B 63 6.15 10.53 11.58
N GLU B 64 4.95 9.93 11.55
CA GLU B 64 4.34 9.38 10.31
C GLU B 64 4.35 10.36 9.13
N GLY B 65 4.25 11.66 9.42
CA GLY B 65 4.33 12.67 8.38
C GLY B 65 5.73 12.81 7.81
N PHE B 66 6.71 12.26 8.52
CA PHE B 66 8.10 12.29 8.06
C PHE B 66 8.49 10.97 7.38
N LEU B 67 8.20 9.87 8.05
CA LEU B 67 8.50 8.54 7.55
C LEU B 67 7.77 8.20 6.25
N SER B 68 6.53 8.62 6.15
CA SER B 68 5.72 8.30 4.97
C SER B 68 6.35 8.66 3.63
N PRO B 69 6.77 9.92 3.46
CA PRO B 69 7.24 10.23 2.10
C PRO B 69 8.59 9.60 1.84
N LEU B 70 9.33 9.33 2.90
CA LEU B 70 10.52 8.50 2.79
C LEU B 70 10.14 7.12 2.21
N LYS B 71 9.12 6.50 2.81
CA LYS B 71 8.68 5.18 2.44
C LYS B 71 8.19 5.15 0.99
N ALA B 72 7.56 6.24 0.56
CA ALA B 72 6.97 6.29 -0.76
C ALA B 72 8.06 6.12 -1.80
N TYR B 73 9.24 6.63 -1.47
CA TYR B 73 10.41 6.43 -2.29
C TYR B 73 11.09 5.07 -2.12
N LEU B 74 11.33 4.65 -0.88
CA LEU B 74 12.13 3.45 -0.65
C LEU B 74 11.38 2.13 -0.88
N ILE B 75 10.11 2.19 -1.25
CA ILE B 75 9.37 0.98 -1.64
C ILE B 75 8.99 1.10 -3.11
N SER B 76 9.58 2.08 -3.78
CA SER B 76 9.19 2.38 -5.14
C SER B 76 10.04 1.62 -6.14
N GLU B 77 9.42 1.23 -7.25
CA GLU B 77 10.10 0.61 -8.38
C GLU B 77 11.41 1.29 -8.75
N GLU B 78 11.43 2.62 -8.73
CA GLU B 78 12.65 3.35 -9.00
C GLU B 78 13.76 2.96 -8.03
N PHE B 79 13.43 2.77 -6.75
CA PHE B 79 14.45 2.41 -5.75
C PHE B 79 14.80 0.92 -5.78
N PHE B 80 13.82 0.08 -6.06
CA PHE B 80 14.10 -1.34 -6.13
C PHE B 80 15.10 -1.65 -7.22
N ASN B 81 14.99 -0.96 -8.35
CA ASN B 81 15.92 -1.13 -9.47
C ASN B 81 17.36 -0.81 -9.06
N LEU B 82 17.54 0.19 -8.21
CA LEU B 82 18.85 0.47 -7.69
C LEU B 82 19.39 -0.67 -6.83
N LEU B 83 18.53 -1.31 -6.05
CA LEU B 83 19.02 -2.34 -5.14
C LEU B 83 19.31 -3.59 -5.97
N ALA B 84 18.57 -3.74 -7.07
CA ALA B 84 18.76 -4.86 -7.98
C ALA B 84 20.12 -4.80 -8.65
N GLN B 85 20.60 -3.57 -8.93
CA GLN B 85 21.91 -3.37 -9.54
C GLN B 85 23.05 -4.06 -8.79
N LYS B 86 22.96 -4.11 -7.46
CA LYS B 86 23.92 -4.84 -6.63
C LYS B 86 23.92 -6.34 -6.96
N LEU B 87 22.79 -6.86 -7.39
CA LEU B 87 22.65 -8.29 -7.67
C LEU B 87 22.77 -8.56 -9.16
N GLU B 88 23.08 -7.51 -9.93
CA GLU B 88 23.10 -7.57 -11.39
C GLU B 88 21.87 -8.34 -11.87
N LEU B 89 20.69 -7.91 -11.43
CA LEU B 89 19.50 -8.76 -11.54
C LEU B 89 19.11 -9.09 -12.96
N HIS B 90 19.47 -8.20 -13.88
CA HIS B 90 19.08 -8.36 -15.28
C HIS B 90 19.76 -9.55 -15.93
N LYS B 91 20.90 -9.97 -15.39
CA LYS B 91 21.61 -11.11 -15.94
C LYS B 91 20.95 -12.48 -15.68
N PHE B 92 19.87 -12.52 -14.92
CA PHE B 92 19.33 -13.82 -14.53
C PHE B 92 17.88 -13.95 -14.91
N ILE B 93 17.37 -12.93 -15.58
CA ILE B 93 15.95 -12.92 -15.86
C ILE B 93 15.59 -13.71 -17.12
N ARG B 94 14.91 -14.84 -16.90
CA ARG B 94 14.31 -15.64 -17.96
C ARG B 94 13.20 -14.81 -18.62
N ILE B 95 13.47 -14.28 -19.80
CA ILE B 95 12.44 -13.54 -20.51
C ILE B 95 12.65 -13.66 -22.03
N LYS B 96 11.56 -13.72 -22.80
CA LYS B 96 11.68 -13.77 -24.25
C LYS B 96 11.51 -12.39 -24.88
N ARG B 97 10.33 -12.17 -25.46
CA ARG B 97 10.08 -10.94 -26.22
C ARG B 97 9.64 -9.76 -25.34
N GLY B 98 10.50 -8.74 -25.30
CA GLY B 98 10.30 -7.58 -24.46
C GLY B 98 11.62 -7.19 -23.81
N LYS B 99 11.87 -5.89 -23.71
CA LYS B 99 13.05 -5.43 -23.00
C LYS B 99 12.88 -5.70 -21.50
N ILE B 100 14.00 -5.90 -20.84
CA ILE B 100 14.02 -5.96 -19.40
C ILE B 100 14.05 -4.51 -18.93
N ASN B 101 12.85 -3.92 -18.84
CA ASN B 101 12.70 -2.55 -18.38
C ASN B 101 12.52 -2.48 -16.86
N GLU B 102 12.50 -1.25 -16.32
CA GLU B 102 12.52 -1.04 -14.87
C GLU B 102 11.42 -1.82 -14.16
N THR B 103 10.28 -1.98 -14.83
CA THR B 103 9.12 -2.66 -14.29
C THR B 103 9.37 -4.14 -14.14
N ILE B 104 10.09 -4.73 -15.08
CA ILE B 104 10.34 -6.17 -14.99
C ILE B 104 11.31 -6.38 -13.85
N ILE B 105 12.43 -5.66 -13.89
CA ILE B 105 13.45 -5.73 -12.85
C ILE B 105 12.85 -5.63 -11.44
N GLY B 106 11.99 -4.65 -11.22
CA GLY B 106 11.35 -4.46 -9.93
C GLY B 106 10.42 -5.60 -9.54
N ASP B 107 9.75 -6.16 -10.52
CA ASP B 107 8.87 -7.28 -10.26
C ASP B 107 9.70 -8.47 -9.77
N VAL B 108 10.81 -8.75 -10.45
CA VAL B 108 11.66 -9.90 -10.10
C VAL B 108 12.26 -9.72 -8.70
N PHE B 109 12.81 -8.54 -8.47
CA PHE B 109 13.30 -8.15 -7.16
C PHE B 109 12.30 -8.42 -6.06
N GLU B 110 11.03 -8.09 -6.29
CA GLU B 110 9.98 -8.44 -5.32
C GLU B 110 9.79 -9.96 -5.27
N ALA B 111 9.76 -10.61 -6.44
CA ALA B 111 9.53 -12.05 -6.50
C ALA B 111 10.66 -12.83 -5.84
N LEU B 112 11.90 -12.37 -6.05
CA LEU B 112 13.09 -12.99 -5.44
C LEU B 112 12.96 -13.18 -3.91
N TRP B 113 12.66 -12.10 -3.22
CA TRP B 113 12.60 -12.13 -1.78
C TRP B 113 11.45 -12.96 -1.26
N ALA B 114 10.35 -12.99 -2.02
CA ALA B 114 9.28 -13.91 -1.72
C ALA B 114 9.81 -15.35 -1.81
N ALA B 115 10.64 -15.60 -2.82
CA ALA B 115 11.21 -16.93 -3.04
C ALA B 115 12.03 -17.38 -1.84
N VAL B 116 13.03 -16.59 -1.48
CA VAL B 116 13.84 -16.83 -0.29
C VAL B 116 13.00 -17.08 0.96
N TYR B 117 11.97 -16.26 1.15
CA TYR B 117 11.10 -16.39 2.32
C TYR B 117 10.43 -17.77 2.38
N ILE B 118 9.82 -18.19 1.28
CA ILE B 118 9.12 -19.46 1.23
C ILE B 118 10.12 -20.63 1.30
N ASP B 119 11.22 -20.50 0.60
CA ASP B 119 12.24 -21.53 0.60
C ASP B 119 12.86 -21.76 1.97
N SER B 120 13.05 -20.68 2.72
CA SER B 120 13.58 -20.78 4.08
C SER B 120 12.55 -21.39 5.03
N GLY B 121 11.39 -21.73 4.50
CA GLY B 121 10.30 -22.27 5.32
C GLY B 121 9.48 -21.16 5.95
N ARG B 122 9.29 -20.08 5.19
CA ARG B 122 8.55 -18.92 5.65
C ARG B 122 9.19 -18.40 6.92
N ASP B 123 10.52 -18.31 6.90
CA ASP B 123 11.28 -17.75 8.01
C ASP B 123 11.49 -16.28 7.73
N ALA B 124 10.55 -15.47 8.22
CA ALA B 124 10.60 -14.04 7.95
C ALA B 124 11.78 -13.37 8.68
N ASN B 125 12.16 -13.93 9.82
CA ASN B 125 13.27 -13.35 10.54
C ASN B 125 14.57 -13.48 9.76
N PHE B 126 14.80 -14.67 9.21
CA PHE B 126 15.99 -14.94 8.46
C PHE B 126 16.05 -14.05 7.23
N THR B 127 14.92 -13.99 6.53
CA THR B 127 14.87 -13.28 5.25
C THR B 127 15.12 -11.82 5.47
N ARG B 128 14.52 -11.28 6.53
CA ARG B 128 14.71 -9.89 6.91
C ARG B 128 16.19 -9.54 7.11
N GLU B 129 16.88 -10.37 7.90
CA GLU B 129 18.30 -10.10 8.16
C GLU B 129 19.17 -10.27 6.92
N LEU B 130 18.83 -11.26 6.11
CA LEU B 130 19.52 -11.48 4.84
C LEU B 130 19.35 -10.23 3.98
N PHE B 131 18.12 -9.74 3.93
CA PHE B 131 17.82 -8.51 3.21
C PHE B 131 18.68 -7.38 3.78
N TYR B 132 18.73 -7.27 5.11
CA TYR B 132 19.49 -6.19 5.75
C TYR B 132 20.99 -6.35 5.51
N LYS B 133 21.47 -7.58 5.56
CA LYS B 133 22.86 -7.85 5.22
C LYS B 133 23.21 -7.19 3.88
N LEU B 134 22.35 -7.42 2.88
CA LEU B 134 22.60 -6.89 1.55
C LEU B 134 22.42 -5.38 1.41
N PHE B 135 21.34 -4.84 1.97
CA PHE B 135 20.90 -3.49 1.60
C PHE B 135 20.78 -2.43 2.70
N LYS B 136 20.86 -2.83 3.96
CA LYS B 136 20.62 -1.90 5.06
C LYS B 136 21.50 -0.67 4.98
N GLU B 137 22.80 -0.89 4.91
CA GLU B 137 23.77 0.17 4.72
C GLU B 137 23.46 1.03 3.47
N ASP B 138 23.06 0.40 2.37
CA ASP B 138 22.74 1.14 1.13
C ASP B 138 21.54 2.07 1.33
N ILE B 139 20.46 1.52 1.89
CA ILE B 139 19.26 2.27 2.21
C ILE B 139 19.51 3.44 3.17
N LEU B 140 20.19 3.14 4.28
CA LEU B 140 20.44 4.12 5.33
C LEU B 140 21.32 5.25 4.83
N SER B 141 22.20 4.93 3.89
CA SER B 141 23.14 5.89 3.30
C SER B 141 22.46 6.80 2.28
N ALA B 142 21.49 6.24 1.55
CA ALA B 142 20.67 7.03 0.64
C ALA B 142 19.97 8.12 1.43
N ILE B 143 19.38 7.71 2.55
CA ILE B 143 18.62 8.62 3.40
C ILE B 143 19.55 9.70 3.93
N LYS B 144 20.65 9.27 4.53
CA LYS B 144 21.60 10.18 5.17
C LYS B 144 22.17 11.21 4.18
N GLU B 145 22.44 10.79 2.96
CA GLU B 145 23.07 11.68 2.00
C GLU B 145 22.08 12.43 1.13
N GLY B 146 20.79 12.24 1.39
CA GLY B 146 19.76 12.97 0.69
C GLY B 146 19.48 12.41 -0.70
N ARG B 147 20.00 11.22 -0.97
CA ARG B 147 19.74 10.61 -2.27
C ARG B 147 18.36 9.97 -2.31
N VAL B 148 17.35 10.74 -1.96
CA VAL B 148 15.97 10.29 -2.00
C VAL B 148 15.28 11.16 -3.01
N LYS B 149 14.56 10.53 -3.95
CA LYS B 149 13.93 11.27 -5.02
C LYS B 149 12.83 12.18 -4.46
N LYS B 150 12.85 13.44 -4.87
CA LYS B 150 11.89 14.39 -4.36
C LYS B 150 10.60 14.38 -5.19
N ASP B 151 9.47 14.47 -4.50
CA ASP B 151 8.16 14.58 -5.12
C ASP B 151 7.79 16.06 -5.35
N TYR B 152 8.21 16.59 -6.50
CA TYR B 152 8.09 18.03 -6.80
C TYR B 152 6.64 18.53 -6.93
N LYS B 153 5.76 17.67 -7.45
CA LYS B 153 4.37 18.07 -7.61
C LYS B 153 3.72 18.34 -6.26
N THR B 154 4.08 17.55 -5.26
CA THR B 154 3.47 17.65 -3.95
C THR B 154 4.13 18.76 -3.15
N ILE B 155 5.45 18.86 -3.29
CA ILE B 155 6.22 19.94 -2.71
C ILE B 155 5.75 21.29 -3.26
N LEU B 156 5.55 21.38 -4.57
CA LEU B 156 5.02 22.59 -5.19
C LEU B 156 3.65 22.96 -4.61
N GLN B 157 2.70 22.04 -4.68
CA GLN B 157 1.35 22.36 -4.28
C GLN B 157 1.27 22.77 -2.81
N GLU B 158 2.19 22.27 -2.00
CA GLU B 158 2.17 22.63 -0.60
C GLU B 158 2.74 24.02 -0.40
N ILE B 159 3.66 24.40 -1.29
CA ILE B 159 4.22 25.75 -1.29
C ILE B 159 3.14 26.79 -1.67
N THR B 160 2.48 26.57 -2.79
CA THR B 160 1.49 27.50 -3.30
C THR B 160 0.22 27.56 -2.44
N GLN B 161 -0.17 26.45 -1.84
CA GLN B 161 -1.33 26.45 -0.93
C GLN B 161 -1.07 27.25 0.35
N LYS B 162 0.16 27.23 0.85
CA LYS B 162 0.53 28.05 2.00
C LYS B 162 0.61 29.55 1.62
N ARG B 163 1.11 29.83 0.42
CA ARG B 163 1.26 31.21 -0.03
C ARG B 163 -0.04 31.82 -0.54
N TRP B 164 -0.73 31.13 -1.44
CA TRP B 164 -1.87 31.75 -2.13
C TRP B 164 -3.21 31.02 -1.92
N LYS B 165 -3.18 30.00 -1.09
CA LYS B 165 -4.33 29.11 -0.97
C LYS B 165 -4.83 28.61 -2.34
N GLU B 166 -3.91 28.38 -3.27
CA GLU B 166 -4.28 27.83 -4.59
C GLU B 166 -3.36 26.68 -5.01
N ARG B 167 -3.71 25.99 -6.09
CA ARG B 167 -2.91 24.87 -6.58
C ARG B 167 -2.49 25.22 -7.99
N PRO B 168 -1.30 24.77 -8.40
CA PRO B 168 -0.87 25.11 -9.76
C PRO B 168 -1.78 24.47 -10.79
N GLU B 169 -1.63 24.89 -12.03
CA GLU B 169 -2.38 24.31 -13.13
C GLU B 169 -1.38 23.69 -14.08
N TYR B 170 -1.57 22.42 -14.41
CA TYR B 170 -0.78 21.80 -15.46
C TYR B 170 -1.66 21.68 -16.68
N ARG B 171 -1.19 22.22 -17.80
CA ARG B 171 -1.92 22.02 -19.05
C ARG B 171 -1.00 21.42 -20.09
N LEU B 172 -1.58 20.64 -21.00
CA LEU B 172 -0.77 19.94 -21.99
C LEU B 172 -0.43 20.88 -23.12
N ILE B 173 0.83 20.89 -23.52
CA ILE B 173 1.29 21.75 -24.60
C ILE B 173 1.37 20.98 -25.93
N SER B 174 2.14 19.90 -25.95
CA SER B 174 2.23 19.08 -27.17
C SER B 174 2.49 17.59 -26.88
N VAL B 175 2.13 16.75 -27.84
CA VAL B 175 2.40 15.31 -27.75
C VAL B 175 2.96 14.81 -29.07
N GLU B 176 4.24 14.46 -29.09
CA GLU B 176 4.91 14.11 -30.33
C GLU B 176 5.75 12.82 -30.23
N GLY B 177 5.71 12.01 -31.29
CA GLY B 177 6.44 10.75 -31.38
C GLY B 177 5.55 9.58 -31.73
N PRO B 178 6.14 8.40 -31.99
CA PRO B 178 5.39 7.17 -32.25
C PRO B 178 4.53 6.75 -31.04
N HIS B 179 3.34 6.20 -31.27
CA HIS B 179 2.34 6.01 -30.21
C HIS B 179 2.71 5.21 -28.94
N HIS B 180 4.00 5.00 -28.74
CA HIS B 180 4.54 4.40 -27.52
C HIS B 180 5.99 4.85 -27.35
N LYS B 181 6.35 5.92 -28.07
CA LYS B 181 7.60 6.62 -27.86
C LYS B 181 7.29 8.11 -27.79
N LYS B 182 6.17 8.44 -27.13
CA LYS B 182 5.65 9.81 -27.07
C LYS B 182 6.43 10.68 -26.11
N LYS B 183 6.67 11.93 -26.49
CA LYS B 183 7.22 12.91 -25.56
C LYS B 183 6.23 14.06 -25.30
N PHE B 184 5.78 14.14 -24.05
CA PHE B 184 4.81 15.14 -23.62
C PHE B 184 5.52 16.42 -23.20
N ILE B 185 4.90 17.56 -23.47
CA ILE B 185 5.40 18.81 -22.97
C ILE B 185 4.27 19.53 -22.24
N VAL B 186 4.54 19.94 -21.01
CA VAL B 186 3.47 20.43 -20.14
C VAL B 186 3.85 21.74 -19.46
N GLU B 187 2.93 22.70 -19.49
CA GLU B 187 3.13 23.92 -18.75
C GLU B 187 2.59 23.79 -17.32
N ALA B 188 3.34 24.28 -16.35
CA ALA B 188 2.87 24.36 -14.98
C ALA B 188 2.78 25.82 -14.58
N LYS B 189 1.60 26.27 -14.14
CA LYS B 189 1.39 27.68 -13.80
C LYS B 189 0.79 27.91 -12.41
N ILE B 190 1.35 28.87 -11.69
CA ILE B 190 0.73 29.37 -10.47
C ILE B 190 0.81 30.89 -10.54
N LYS B 191 -0.33 31.55 -10.35
CA LYS B 191 -0.42 32.99 -10.56
C LYS B 191 0.19 33.22 -11.95
N GLU B 192 1.10 34.18 -12.05
CA GLU B 192 1.76 34.43 -13.34
C GLU B 192 3.17 33.88 -13.53
N TYR B 193 3.48 32.81 -12.79
CA TYR B 193 4.72 32.10 -13.00
C TYR B 193 4.45 30.87 -13.87
N ARG B 194 5.27 30.69 -14.91
CA ARG B 194 5.02 29.62 -15.87
C ARG B 194 6.31 28.86 -16.14
N THR B 195 6.23 27.53 -16.17
CA THR B 195 7.40 26.72 -16.52
C THR B 195 7.02 25.54 -17.41
N LEU B 196 8.02 24.88 -17.97
CA LEU B 196 7.76 23.71 -18.82
C LEU B 196 8.46 22.47 -18.32
N GLY B 197 7.93 21.31 -18.69
CA GLY B 197 8.56 20.04 -18.45
C GLY B 197 8.33 19.11 -19.63
N GLU B 198 9.22 18.16 -19.84
CA GLU B 198 9.00 17.16 -20.87
C GLU B 198 9.32 15.76 -20.38
N GLY B 199 8.47 14.81 -20.72
CA GLY B 199 8.68 13.43 -20.32
C GLY B 199 7.98 12.45 -21.21
N LYS B 200 7.94 11.18 -20.81
CA LYS B 200 7.31 10.12 -21.59
C LYS B 200 5.93 9.70 -21.03
N SER B 201 5.48 10.42 -20.01
CA SER B 201 4.11 10.30 -19.50
C SER B 201 3.64 11.69 -19.14
N LYS B 202 2.33 11.88 -19.02
CA LYS B 202 1.81 13.17 -18.60
C LYS B 202 2.34 13.47 -17.22
N LYS B 203 2.45 12.44 -16.39
CA LYS B 203 2.88 12.62 -15.02
C LYS B 203 4.31 13.08 -14.97
N GLU B 204 5.18 12.42 -15.73
CA GLU B 204 6.60 12.74 -15.67
C GLU B 204 6.87 14.19 -16.10
N ALA B 205 6.22 14.65 -17.16
CA ALA B 205 6.40 16.01 -17.62
C ALA B 205 5.92 17.04 -16.60
N GLU B 206 4.79 16.74 -15.95
CA GLU B 206 4.27 17.56 -14.87
C GLU B 206 5.26 17.63 -13.68
N GLN B 207 5.98 16.55 -13.39
CA GLN B 207 6.96 16.54 -12.31
C GLN B 207 8.15 17.48 -12.63
N ARG B 208 8.62 17.43 -13.87
CA ARG B 208 9.67 18.32 -14.36
C ARG B 208 9.28 19.79 -14.27
N ALA B 209 8.15 20.15 -14.90
CA ALA B 209 7.65 21.50 -14.87
C ALA B 209 7.59 21.99 -13.43
N ALA B 210 7.03 21.16 -12.56
CA ALA B 210 6.87 21.49 -11.16
C ALA B 210 8.20 21.72 -10.42
N GLU B 211 9.23 20.95 -10.75
CA GLU B 211 10.57 21.21 -10.23
C GLU B 211 11.08 22.60 -10.65
N GLU B 212 10.96 22.91 -11.95
CA GLU B 212 11.29 24.24 -12.47
C GLU B 212 10.53 25.34 -11.75
N LEU B 213 9.24 25.12 -11.57
CA LEU B 213 8.39 26.11 -10.89
C LEU B 213 8.85 26.37 -9.46
N ILE B 214 9.17 25.32 -8.71
CA ILE B 214 9.69 25.47 -7.36
C ILE B 214 10.93 26.33 -7.41
N LYS B 215 11.79 26.02 -8.38
CA LYS B 215 13.04 26.74 -8.58
C LYS B 215 12.77 28.21 -8.86
N LEU B 216 11.87 28.46 -9.80
CA LEU B 216 11.57 29.81 -10.23
C LEU B 216 11.02 30.65 -9.09
N LEU B 217 10.23 30.05 -8.23
CA LEU B 217 9.64 30.78 -7.11
C LEU B 217 10.70 31.16 -6.07
N GLU B 218 11.82 30.45 -6.05
CA GLU B 218 12.91 30.76 -5.12
C GLU B 218 13.89 31.83 -5.62
N GLU B 219 14.06 31.92 -6.93
CA GLU B 219 14.85 32.98 -7.54
C GLU B 219 14.18 34.34 -7.32
N SER B 220 12.86 34.35 -7.39
CA SER B 220 12.06 35.51 -7.02
C SER B 220 12.03 35.70 -5.49
#